data_6OP8
#
_entry.id   6OP8
#
_cell.length_a   26.715
_cell.length_b   79.047
_cell.length_c   94.521
_cell.angle_alpha   90.000
_cell.angle_beta   90.000
_cell.angle_gamma   90.000
#
_symmetry.space_group_name_H-M   'P 21 21 21'
#
loop_
_entity.id
_entity.type
_entity.pdbx_description
1 polymer 'Ubiquitin-conjugating enzyme E2-18 kDa'
2 polymer 'CUE domain-containing protein 4, mitochondrial'
3 non-polymer 'MAGNESIUM ION'
4 non-polymer 1,2-ETHANEDIOL
5 non-polymer 'SODIUM ION'
6 water water
#
loop_
_entity_poly.entity_id
_entity_poly.type
_entity_poly.pdbx_seq_one_letter_code
_entity_poly.pdbx_strand_id
1 'polypeptide(L)'
;MSKAMALRRLMKEYKELTENGPDGITAGPSNEDDFFTWDCLIQGPDGTPFEGGLYPATLKFPSDYPLGPPTLKFECEFFH
PNVYKDGTVCISILHAPGDDPNMYESSSERWSPVQSVEKILLSVMSMLAEPNDESGANIDACKMWREDREEYCRVVRRLA
RKTLGLLVPR
;
A
2 'polypeptide(L)' GSHMLSSRISSSDNSSSSTGNEEVRNRSKLPSSKKEREELFRKRKEEMILAARKRMEGKIKGEKQDKN B
#
loop_
_chem_comp.id
_chem_comp.type
_chem_comp.name
_chem_comp.formula
EDO non-polymer 1,2-ETHANEDIOL 'C2 H6 O2'
MG non-polymer 'MAGNESIUM ION' 'Mg 2'
NA non-polymer 'SODIUM ION' 'Na 1'
#
# COMPACT_ATOMS: atom_id res chain seq x y z
C LYS A 3 -9.50 -8.90 21.83
N ALA A 4 -9.84 -10.06 22.41
CA ALA A 4 -8.83 -11.07 22.68
C ALA A 4 -8.37 -11.73 21.37
N MET A 5 -9.32 -12.32 20.63
CA MET A 5 -8.92 -13.03 19.42
CA MET A 5 -8.99 -13.02 19.38
C MET A 5 -8.35 -12.07 18.38
N ALA A 6 -8.90 -10.86 18.24
CA ALA A 6 -8.40 -9.94 17.21
C ALA A 6 -6.94 -9.56 17.47
N LEU A 7 -6.59 -9.26 18.72
CA LEU A 7 -5.22 -8.86 19.02
C LEU A 7 -4.25 -10.02 18.83
N ARG A 8 -4.66 -11.23 19.21
CA ARG A 8 -3.84 -12.40 18.94
C ARG A 8 -3.58 -12.57 17.44
N ARG A 9 -4.64 -12.45 16.65
CA ARG A 9 -4.50 -12.61 15.20
C ARG A 9 -3.64 -11.51 14.58
N LEU A 10 -3.85 -10.27 14.99
CA LEU A 10 -3.02 -9.18 14.50
C LEU A 10 -1.55 -9.38 14.86
N MET A 11 -1.26 -9.85 16.09
CA MET A 11 0.14 -10.08 16.44
C MET A 11 0.74 -11.16 15.57
N LYS A 12 -0.02 -12.23 15.29
CA LYS A 12 0.46 -13.32 14.45
C LYS A 12 0.80 -12.83 13.05
N GLU A 13 -0.07 -12.00 12.47
CA GLU A 13 0.19 -11.45 11.15
C GLU A 13 1.38 -10.50 11.17
N TYR A 14 1.50 -9.70 12.23
CA TYR A 14 2.63 -8.79 12.34
C TYR A 14 3.94 -9.57 12.43
N LYS A 15 3.96 -10.64 13.23
CA LYS A 15 5.14 -11.46 13.31
C LYS A 15 5.49 -12.06 11.95
N GLU A 16 4.50 -12.66 11.29
CA GLU A 16 4.73 -13.27 9.98
C GLU A 16 5.23 -12.24 8.97
N LEU A 17 4.64 -11.04 8.96
CA LEU A 17 5.07 -10.03 7.99
C LEU A 17 6.49 -9.58 8.25
N THR A 18 6.83 -9.40 9.52
CA THR A 18 8.16 -8.96 9.91
C THR A 18 9.19 -10.01 9.53
N GLU A 19 8.90 -11.27 9.79
CA GLU A 19 9.90 -12.30 9.64
C GLU A 19 9.95 -12.89 8.24
N ASN A 20 8.82 -12.90 7.51
CA ASN A 20 8.73 -13.58 6.23
C ASN A 20 7.87 -12.83 5.22
N GLY A 21 7.69 -11.53 5.38
CA GLY A 21 6.85 -10.75 4.48
C GLY A 21 7.48 -10.52 3.12
N PRO A 22 6.69 -10.01 2.19
CA PRO A 22 7.20 -9.83 0.84
C PRO A 22 8.06 -8.59 0.71
N ASP A 23 8.97 -8.63 -0.26
CA ASP A 23 9.72 -7.44 -0.61
C ASP A 23 8.75 -6.34 -1.04
N GLY A 24 9.09 -5.11 -0.68
CA GLY A 24 8.34 -3.98 -1.19
C GLY A 24 7.27 -3.51 -0.25
N ILE A 25 7.12 -4.18 0.90
CA ILE A 25 6.07 -3.89 1.87
C ILE A 25 6.70 -3.79 3.25
N THR A 26 6.34 -2.73 3.98
CA THR A 26 6.58 -2.64 5.42
C THR A 26 5.22 -2.30 6.02
N ALA A 27 4.76 -3.10 6.98
CA ALA A 27 3.45 -2.82 7.57
C ALA A 27 3.42 -3.33 9.00
N GLY A 28 2.73 -2.59 9.85
CA GLY A 28 2.65 -2.95 11.26
C GLY A 28 2.13 -1.83 12.14
N PRO A 29 1.91 -2.12 13.41
CA PRO A 29 1.47 -1.07 14.35
C PRO A 29 2.63 -0.28 14.91
N SER A 30 2.75 0.97 14.47
CA SER A 30 3.82 1.83 14.98
CA SER A 30 3.82 1.83 14.98
C SER A 30 3.67 2.10 16.46
N ASN A 31 2.43 2.09 16.95
CA ASN A 31 2.10 2.32 18.35
C ASN A 31 1.21 1.16 18.78
N GLU A 32 1.76 0.25 19.59
CA GLU A 32 1.01 -0.96 19.94
C GLU A 32 -0.09 -0.72 20.95
N ASP A 33 -0.18 0.48 21.51
CA ASP A 33 -1.36 0.86 22.27
C ASP A 33 -2.53 1.18 21.35
N ASP A 34 -2.30 1.24 20.04
CA ASP A 34 -3.36 1.26 19.04
C ASP A 34 -3.05 0.20 17.99
N PHE A 35 -3.15 -1.04 18.41
CA PHE A 35 -2.77 -2.18 17.58
C PHE A 35 -3.68 -2.32 16.36
N PHE A 36 -4.85 -1.69 16.39
CA PHE A 36 -5.81 -1.81 15.30
C PHE A 36 -5.58 -0.80 14.18
N THR A 37 -4.52 0.01 14.27
CA THR A 37 -4.13 0.94 13.22
C THR A 37 -2.70 0.60 12.81
N TRP A 38 -2.51 0.20 11.54
CA TRP A 38 -1.19 -0.10 11.04
C TRP A 38 -0.75 0.93 10.01
N ASP A 39 0.50 1.32 10.11
CA ASP A 39 1.15 2.11 9.09
C ASP A 39 1.77 1.17 8.08
N CYS A 40 1.59 1.50 6.81
CA CYS A 40 2.17 0.73 5.72
C CYS A 40 3.02 1.65 4.87
N LEU A 41 4.07 1.09 4.30
CA LEU A 41 4.78 1.67 3.16
C LEU A 41 4.75 0.67 2.03
N ILE A 42 4.28 1.11 0.87
CA ILE A 42 4.12 0.26 -0.31
C ILE A 42 5.03 0.79 -1.42
N GLN A 43 5.95 -0.04 -1.86
CA GLN A 43 6.84 0.30 -2.95
C GLN A 43 6.11 0.12 -4.28
N GLY A 44 6.16 1.14 -5.11
CA GLY A 44 5.55 1.01 -6.39
C GLY A 44 6.19 -0.10 -7.21
N PRO A 45 5.39 -0.90 -7.91
CA PRO A 45 5.95 -2.04 -8.67
C PRO A 45 6.83 -1.62 -9.85
N ASP A 46 7.96 -2.33 -10.00
CA ASP A 46 8.81 -2.16 -11.17
C ASP A 46 8.02 -2.44 -12.45
N GLY A 47 8.41 -1.75 -13.50
CA GLY A 47 7.77 -1.91 -14.79
C GLY A 47 6.47 -1.13 -14.94
N THR A 48 6.09 -0.34 -13.94
CA THR A 48 4.89 0.47 -13.96
C THR A 48 5.27 1.93 -13.75
N PRO A 49 4.36 2.87 -14.06
CA PRO A 49 4.64 4.29 -13.73
C PRO A 49 4.76 4.55 -12.23
N PHE A 50 4.39 3.58 -11.38
CA PHE A 50 4.58 3.71 -9.94
C PHE A 50 5.99 3.32 -9.51
N GLU A 51 6.81 2.81 -10.43
CA GLU A 51 8.16 2.40 -10.06
C GLU A 51 8.93 3.57 -9.46
N GLY A 52 9.65 3.31 -8.36
CA GLY A 52 10.33 4.40 -7.70
C GLY A 52 9.48 5.19 -6.71
N GLY A 53 8.16 5.06 -6.75
CA GLY A 53 7.33 5.64 -5.72
C GLY A 53 7.39 4.77 -4.46
N LEU A 54 7.16 5.41 -3.33
CA LEU A 54 7.04 4.74 -2.03
C LEU A 54 5.90 5.43 -1.31
N TYR A 55 4.85 4.67 -1.01
CA TYR A 55 3.56 5.26 -0.70
C TYR A 55 3.14 4.89 0.71
N PRO A 56 2.88 5.87 1.55
CA PRO A 56 2.33 5.56 2.85
C PRO A 56 0.84 5.30 2.78
N ALA A 57 0.40 4.38 3.64
CA ALA A 57 -0.98 3.98 3.70
C ALA A 57 -1.30 3.55 5.13
N THR A 58 -2.59 3.60 5.47
CA THR A 58 -3.06 3.21 6.78
C THR A 58 -4.05 2.07 6.65
N LEU A 59 -3.86 1.00 7.44
CA LEU A 59 -4.86 -0.04 7.58
C LEU A 59 -5.59 0.16 8.90
N LYS A 60 -6.91 0.13 8.87
CA LYS A 60 -7.72 0.24 10.09
C LYS A 60 -8.52 -1.05 10.25
N PHE A 61 -8.23 -1.80 11.30
CA PHE A 61 -8.89 -3.09 11.55
C PHE A 61 -10.09 -2.92 12.46
N PRO A 62 -11.15 -3.67 12.21
CA PRO A 62 -12.30 -3.67 13.11
C PRO A 62 -12.00 -4.49 14.37
N SER A 63 -12.79 -4.22 15.41
CA SER A 63 -12.51 -4.86 16.68
C SER A 63 -12.78 -6.35 16.65
N ASP A 64 -13.53 -6.84 15.66
CA ASP A 64 -13.77 -8.27 15.51
C ASP A 64 -12.96 -8.90 14.40
N TYR A 65 -11.90 -8.24 13.95
CA TYR A 65 -11.00 -8.87 13.00
C TYR A 65 -10.63 -10.28 13.49
N PRO A 66 -10.55 -11.30 12.60
CA PRO A 66 -10.66 -11.31 11.14
C PRO A 66 -12.06 -11.55 10.59
N LEU A 67 -13.10 -11.38 11.41
CA LEU A 67 -14.46 -11.62 10.95
C LEU A 67 -14.92 -10.55 9.96
N GLY A 68 -14.31 -9.37 9.97
CA GLY A 68 -14.57 -8.38 8.96
C GLY A 68 -13.25 -7.80 8.48
N PRO A 69 -13.27 -7.16 7.31
CA PRO A 69 -12.06 -6.65 6.71
C PRO A 69 -11.63 -5.33 7.30
N PRO A 70 -10.37 -5.00 7.19
CA PRO A 70 -9.90 -3.64 7.45
C PRO A 70 -10.27 -2.75 6.29
N THR A 71 -10.11 -1.45 6.55
CA THR A 71 -10.07 -0.46 5.48
C THR A 71 -8.61 -0.06 5.21
N LEU A 72 -8.36 0.39 4.00
CA LEU A 72 -7.03 0.77 3.55
C LEU A 72 -7.10 2.10 2.82
N LYS A 73 -6.27 3.06 3.23
CA LYS A 73 -6.25 4.39 2.63
C LYS A 73 -4.81 4.78 2.39
N PHE A 74 -4.51 5.23 1.16
CA PHE A 74 -3.26 5.93 0.94
C PHE A 74 -3.28 7.29 1.64
N GLU A 75 -2.14 7.65 2.20
CA GLU A 75 -1.99 8.91 2.94
C GLU A 75 -1.18 9.94 2.18
N CYS A 76 -1.28 9.93 0.86
CA CYS A 76 -0.59 10.87 0.01
C CYS A 76 -1.48 11.04 -1.20
N GLU A 77 -1.23 12.12 -1.94
CA GLU A 77 -1.93 12.31 -3.21
C GLU A 77 -1.69 11.09 -4.10
N PHE A 78 -2.73 10.60 -4.78
CA PHE A 78 -2.61 9.33 -5.48
C PHE A 78 -3.53 9.41 -6.67
N PHE A 79 -3.09 8.86 -7.81
CA PHE A 79 -3.86 8.92 -9.04
C PHE A 79 -3.91 7.52 -9.63
N HIS A 80 -5.05 6.83 -9.45
CA HIS A 80 -5.19 5.45 -9.88
C HIS A 80 -6.67 5.16 -10.05
N PRO A 81 -7.07 4.38 -11.06
CA PRO A 81 -8.50 4.14 -11.27
C PRO A 81 -9.23 3.58 -10.08
N ASN A 82 -8.57 2.79 -9.25
CA ASN A 82 -9.24 2.06 -8.18
C ASN A 82 -9.03 2.67 -6.81
N VAL A 83 -8.57 3.93 -6.75
CA VAL A 83 -8.32 4.62 -5.50
C VAL A 83 -9.15 5.90 -5.52
N TYR A 84 -10.01 6.06 -4.54
CA TYR A 84 -10.78 7.30 -4.46
C TYR A 84 -9.88 8.50 -4.20
N LYS A 85 -10.41 9.67 -4.56
CA LYS A 85 -9.63 10.90 -4.37
C LYS A 85 -9.29 11.16 -2.90
N ASP A 86 -10.05 10.59 -1.97
CA ASP A 86 -9.70 10.68 -0.57
C ASP A 86 -8.69 9.63 -0.11
N GLY A 87 -8.21 8.79 -1.03
CA GLY A 87 -7.18 7.81 -0.76
C GLY A 87 -7.72 6.42 -0.49
N THR A 88 -9.03 6.25 -0.33
CA THR A 88 -9.59 4.95 -0.03
C THR A 88 -9.36 4.00 -1.19
N VAL A 89 -8.85 2.81 -0.88
CA VAL A 89 -8.54 1.80 -1.88
C VAL A 89 -9.76 0.93 -2.11
N CYS A 90 -10.15 0.79 -3.39
CA CYS A 90 -11.32 -0.01 -3.81
CA CYS A 90 -11.31 -0.02 -3.82
C CYS A 90 -10.81 -1.31 -4.43
N ILE A 91 -10.75 -2.37 -3.63
CA ILE A 91 -10.38 -3.67 -4.14
C ILE A 91 -11.29 -4.71 -3.52
N SER A 92 -11.58 -5.75 -4.28
CA SER A 92 -12.60 -6.72 -3.86
C SER A 92 -12.27 -7.42 -2.54
N ILE A 93 -10.99 -7.69 -2.24
CA ILE A 93 -10.63 -8.45 -1.05
C ILE A 93 -11.02 -7.71 0.21
N LEU A 94 -11.28 -6.39 0.12
CA LEU A 94 -11.63 -5.62 1.29
C LEU A 94 -13.13 -5.60 1.53
N HIS A 95 -13.89 -6.42 0.80
CA HIS A 95 -15.34 -6.49 0.94
C HIS A 95 -15.80 -7.93 1.10
N ALA A 96 -16.68 -8.17 2.06
CA ALA A 96 -17.27 -9.51 2.17
C ALA A 96 -18.16 -9.80 0.95
N PRO A 97 -18.38 -11.08 0.65
CA PRO A 97 -19.31 -11.42 -0.43
C PRO A 97 -20.67 -10.76 -0.23
N GLY A 98 -21.20 -10.23 -1.31
CA GLY A 98 -22.48 -9.56 -1.30
C GLY A 98 -22.41 -8.06 -1.14
N ASP A 99 -21.31 -7.54 -0.58
CA ASP A 99 -21.13 -6.09 -0.43
C ASP A 99 -20.52 -5.52 -1.70
N ASP A 100 -21.17 -4.49 -2.24
CA ASP A 100 -20.72 -3.85 -3.47
C ASP A 100 -20.63 -4.88 -4.59
N PRO A 101 -21.76 -5.42 -5.05
CA PRO A 101 -21.71 -6.36 -6.20
C PRO A 101 -21.54 -5.68 -7.54
N ASN A 102 -21.94 -4.41 -7.65
CA ASN A 102 -21.80 -3.64 -8.90
C ASN A 102 -20.37 -3.20 -9.16
N MET A 103 -19.46 -3.33 -8.20
CA MET A 103 -18.12 -2.76 -8.31
C MET A 103 -17.07 -3.75 -8.80
N TYR A 104 -17.21 -5.04 -8.46
CA TYR A 104 -16.13 -5.99 -8.63
C TYR A 104 -16.59 -7.19 -9.46
N GLU A 105 -15.65 -7.80 -10.15
CA GLU A 105 -15.91 -9.08 -10.80
C GLU A 105 -16.22 -10.13 -9.74
N SER A 106 -17.13 -11.06 -10.07
CA SER A 106 -17.46 -12.12 -9.13
C SER A 106 -16.40 -13.21 -9.08
N SER A 107 -15.46 -13.22 -10.02
CA SER A 107 -14.28 -14.07 -9.90
C SER A 107 -13.28 -13.52 -8.89
N SER A 108 -13.45 -12.28 -8.46
CA SER A 108 -12.48 -11.63 -7.59
C SER A 108 -12.58 -12.19 -6.17
N GLU A 109 -11.44 -12.27 -5.51
CA GLU A 109 -11.41 -12.74 -4.13
C GLU A 109 -12.10 -11.72 -3.24
N ARG A 110 -12.78 -12.22 -2.23
CA ARG A 110 -13.51 -11.40 -1.28
C ARG A 110 -12.93 -11.64 0.11
N TRP A 111 -13.37 -10.81 1.06
CA TRP A 111 -12.88 -10.99 2.42
C TRP A 111 -13.41 -12.28 3.01
N SER A 112 -12.56 -12.94 3.76
CA SER A 112 -12.93 -14.08 4.59
C SER A 112 -11.92 -14.16 5.71
N PRO A 113 -12.20 -14.96 6.74
CA PRO A 113 -11.27 -15.07 7.88
C PRO A 113 -9.94 -15.70 7.52
N VAL A 114 -9.78 -16.33 6.36
CA VAL A 114 -8.48 -16.88 6.03
C VAL A 114 -7.68 -15.94 5.15
N GLN A 115 -8.25 -14.80 4.79
CA GLN A 115 -7.45 -13.80 4.09
C GLN A 115 -6.50 -13.17 5.09
N SER A 116 -5.62 -12.31 4.60
CA SER A 116 -4.56 -11.80 5.46
C SER A 116 -4.13 -10.43 4.96
N VAL A 117 -3.41 -9.72 5.84
CA VAL A 117 -2.82 -8.44 5.47
C VAL A 117 -1.87 -8.61 4.29
N GLU A 118 -1.03 -9.63 4.34
CA GLU A 118 -0.10 -9.86 3.23
C GLU A 118 -0.86 -9.99 1.91
N LYS A 119 -1.93 -10.76 1.89
CA LYS A 119 -2.71 -10.90 0.67
C LYS A 119 -3.31 -9.56 0.22
N ILE A 120 -3.83 -8.77 1.16
CA ILE A 120 -4.35 -7.45 0.83
C ILE A 120 -3.28 -6.62 0.13
N LEU A 121 -2.09 -6.57 0.73
CA LEU A 121 -1.07 -5.67 0.21
C LEU A 121 -0.48 -6.21 -1.09
N LEU A 122 -0.36 -7.53 -1.25
CA LEU A 122 0.03 -8.06 -2.55
C LEU A 122 -1.01 -7.72 -3.60
N SER A 123 -2.30 -7.75 -3.23
CA SER A 123 -3.36 -7.39 -4.17
CA SER A 123 -3.37 -7.39 -4.16
C SER A 123 -3.27 -5.93 -4.59
N VAL A 124 -2.93 -5.05 -3.64
CA VAL A 124 -2.70 -3.65 -3.97
C VAL A 124 -1.57 -3.51 -4.97
N MET A 125 -0.47 -4.22 -4.74
CA MET A 125 0.63 -4.17 -5.71
C MET A 125 0.16 -4.59 -7.10
N SER A 126 -0.63 -5.65 -7.15
CA SER A 126 -1.14 -6.13 -8.43
CA SER A 126 -1.14 -6.13 -8.43
C SER A 126 -2.03 -5.08 -9.08
N MET A 127 -2.88 -4.41 -8.28
CA MET A 127 -3.76 -3.37 -8.80
C MET A 127 -2.96 -2.21 -9.36
N LEU A 128 -1.85 -1.85 -8.70
CA LEU A 128 -1.03 -0.76 -9.23
C LEU A 128 -0.47 -1.10 -10.61
N ALA A 129 -0.07 -2.35 -10.80
CA ALA A 129 0.49 -2.79 -12.08
C ALA A 129 -0.59 -2.95 -13.13
N GLU A 130 -1.78 -3.38 -12.71
CA GLU A 130 -2.87 -3.69 -13.62
C GLU A 130 -4.21 -3.29 -13.00
N PRO A 131 -4.68 -2.09 -13.29
CA PRO A 131 -5.96 -1.65 -12.73
C PRO A 131 -7.12 -2.58 -13.06
N ASN A 132 -8.08 -2.63 -12.13
CA ASN A 132 -9.29 -3.43 -12.27
C ASN A 132 -10.37 -2.58 -12.93
N ASP A 133 -10.79 -2.98 -14.13
CA ASP A 133 -11.61 -2.08 -14.95
C ASP A 133 -13.07 -2.06 -14.54
N GLU A 134 -13.52 -2.97 -13.68
CA GLU A 134 -14.90 -2.93 -13.21
C GLU A 134 -15.10 -2.08 -11.97
N SER A 135 -14.03 -1.74 -11.25
CA SER A 135 -14.19 -1.10 -9.94
C SER A 135 -13.66 0.33 -9.96
N GLY A 136 -14.13 1.11 -10.95
CA GLY A 136 -13.79 2.51 -11.08
C GLY A 136 -14.18 3.37 -9.89
N ALA A 137 -13.17 3.94 -9.26
CA ALA A 137 -13.30 4.84 -8.12
C ALA A 137 -12.86 6.27 -8.39
N ASN A 138 -11.88 6.45 -9.24
CA ASN A 138 -11.40 7.78 -9.62
C ASN A 138 -11.71 7.96 -11.11
N ILE A 139 -12.74 8.76 -11.40
CA ILE A 139 -13.23 8.82 -12.76
C ILE A 139 -12.21 9.45 -13.69
N ASP A 140 -11.43 10.43 -13.20
CA ASP A 140 -10.41 11.06 -14.01
C ASP A 140 -9.30 10.09 -14.36
N ALA A 141 -8.86 9.30 -13.38
CA ALA A 141 -7.81 8.32 -13.63
C ALA A 141 -8.31 7.17 -14.49
N CYS A 142 -9.58 6.77 -14.32
CA CYS A 142 -10.13 5.70 -15.16
CA CYS A 142 -10.17 5.72 -15.15
C CYS A 142 -10.11 6.12 -16.62
N LYS A 143 -10.57 7.33 -16.91
CA LYS A 143 -10.61 7.83 -18.28
C LYS A 143 -9.20 7.85 -18.87
N MET A 144 -8.24 8.43 -18.12
CA MET A 144 -6.90 8.58 -18.66
C MET A 144 -6.21 7.25 -18.87
N TRP A 145 -6.35 6.32 -17.91
CA TRP A 145 -5.70 5.03 -18.08
C TRP A 145 -6.19 4.32 -19.33
N ARG A 146 -7.48 4.44 -19.64
CA ARG A 146 -8.10 3.73 -20.76
CA ARG A 146 -8.07 3.71 -20.76
C ARG A 146 -7.82 4.40 -22.10
N GLU A 147 -7.81 5.74 -22.12
CA GLU A 147 -7.82 6.48 -23.38
C GLU A 147 -6.51 7.20 -23.68
N ASP A 148 -5.63 7.36 -22.69
CA ASP A 148 -4.40 8.11 -22.87
C ASP A 148 -3.38 7.59 -21.85
N ARG A 149 -2.98 6.34 -22.04
CA ARG A 149 -2.12 5.70 -21.05
C ARG A 149 -0.78 6.42 -20.90
N GLU A 150 -0.25 6.98 -21.99
CA GLU A 150 1.01 7.70 -21.87
CA GLU A 150 1.01 7.73 -21.92
C GLU A 150 0.87 8.91 -20.95
N GLU A 151 -0.26 9.62 -21.01
CA GLU A 151 -0.44 10.75 -20.10
C GLU A 151 -0.69 10.26 -18.69
N TYR A 152 -1.45 9.18 -18.53
CA TYR A 152 -1.62 8.58 -17.20
C TYR A 152 -0.27 8.32 -16.55
N CYS A 153 0.62 7.63 -17.27
CA CYS A 153 1.96 7.38 -16.75
C CYS A 153 2.67 8.68 -16.37
N ARG A 154 2.54 9.72 -17.19
CA ARG A 154 3.19 10.99 -16.86
C ARG A 154 2.67 11.58 -15.56
N VAL A 155 1.36 11.55 -15.35
CA VAL A 155 0.77 12.07 -14.11
C VAL A 155 1.28 11.27 -12.92
N VAL A 156 1.18 9.94 -13.00
CA VAL A 156 1.60 9.08 -11.89
C VAL A 156 3.06 9.33 -11.53
N ARG A 157 3.95 9.44 -12.55
CA ARG A 157 5.37 9.64 -12.28
CA ARG A 157 5.38 9.64 -12.29
C ARG A 157 5.63 10.98 -11.60
N ARG A 158 4.96 12.03 -12.06
CA ARG A 158 5.09 13.35 -11.47
C ARG A 158 4.63 13.34 -10.02
N LEU A 159 3.49 12.71 -9.76
CA LEU A 159 2.98 12.67 -8.39
C LEU A 159 3.89 11.84 -7.51
N ALA A 160 4.43 10.75 -8.04
CA ALA A 160 5.29 9.86 -7.26
C ALA A 160 6.53 10.59 -6.78
N ARG A 161 7.15 11.39 -7.65
CA ARG A 161 8.29 12.19 -7.24
C ARG A 161 7.89 13.26 -6.23
N LYS A 162 6.73 13.89 -6.43
CA LYS A 162 6.28 14.92 -5.50
C LYS A 162 6.03 14.35 -4.12
N THR A 163 5.27 13.25 -4.05
CA THR A 163 4.91 12.76 -2.72
C THR A 163 6.10 12.10 -2.04
N LEU A 164 7.00 11.47 -2.78
CA LEU A 164 8.21 10.91 -2.17
C LEU A 164 9.06 12.02 -1.57
N GLY A 165 9.11 13.18 -2.25
CA GLY A 165 9.80 14.33 -1.67
C GLY A 165 9.22 14.82 -0.37
N LEU A 166 7.94 14.53 -0.11
CA LEU A 166 7.29 14.85 1.14
C LEU A 166 7.40 13.73 2.17
N LEU A 167 7.92 12.56 1.78
CA LEU A 167 8.03 11.40 2.68
C LEU A 167 9.35 11.46 3.44
N VAL A 168 9.26 11.55 4.77
CA VAL A 168 10.47 11.56 5.62
C VAL A 168 10.25 10.57 6.76
N PRO A 169 11.30 9.96 7.28
CA PRO A 169 11.11 9.06 8.44
C PRO A 169 10.64 9.84 9.66
N ARG A 170 9.61 9.30 10.32
CA ARG A 170 9.00 9.89 11.53
C ARG A 170 8.44 8.79 12.44
N ASN B 26 11.46 -10.27 4.04
CA ASN B 26 11.77 -9.76 5.37
C ASN B 26 12.72 -10.73 6.12
N ARG B 27 13.41 -10.27 7.18
CA ARG B 27 14.52 -11.07 7.71
C ARG B 27 14.92 -10.83 9.17
N SER B 28 14.17 -10.05 9.95
CA SER B 28 14.44 -9.90 11.38
C SER B 28 13.41 -10.69 12.18
N LYS B 29 13.85 -11.31 13.28
CA LYS B 29 12.90 -11.93 14.20
C LYS B 29 12.15 -10.85 14.95
N LEU B 30 10.85 -11.05 15.17
CA LEU B 30 10.07 -10.00 15.84
C LEU B 30 10.46 -9.97 17.32
N PRO B 31 10.89 -8.83 17.85
CA PRO B 31 11.33 -8.77 19.24
C PRO B 31 10.22 -9.09 20.24
N SER B 32 10.65 -9.37 21.48
CA SER B 32 9.77 -9.89 22.53
CA SER B 32 9.74 -9.88 22.49
C SER B 32 9.15 -8.81 23.41
N SER B 33 9.49 -7.53 23.20
CA SER B 33 8.88 -6.46 23.96
C SER B 33 8.34 -5.39 23.04
N LYS B 34 7.31 -4.69 23.53
CA LYS B 34 6.67 -3.64 22.75
C LYS B 34 7.67 -2.57 22.31
N LYS B 35 8.47 -2.04 23.23
CA LYS B 35 9.39 -0.96 22.83
C LYS B 35 10.38 -1.44 21.77
N GLU B 36 10.92 -2.67 21.92
CA GLU B 36 11.85 -3.17 20.91
C GLU B 36 11.17 -3.36 19.56
N ARG B 37 9.94 -3.87 19.56
CA ARG B 37 9.21 -4.04 18.30
C ARG B 37 8.98 -2.69 17.64
N GLU B 38 8.56 -1.70 18.44
CA GLU B 38 8.28 -0.39 17.89
C GLU B 38 9.55 0.25 17.30
N GLU B 39 10.69 0.06 17.97
CA GLU B 39 11.95 0.59 17.47
C GLU B 39 12.39 -0.12 16.19
N LEU B 40 12.26 -1.45 16.13
CA LEU B 40 12.63 -2.17 14.92
C LEU B 40 11.77 -1.73 13.74
N PHE B 41 10.48 -1.53 13.98
CA PHE B 41 9.58 -1.10 12.92
C PHE B 41 9.94 0.30 12.43
N ARG B 42 10.19 1.23 13.37
CA ARG B 42 10.66 2.56 13.02
C ARG B 42 11.89 2.49 12.13
N LYS B 43 12.84 1.63 12.50
CA LYS B 43 14.09 1.50 11.75
C LYS B 43 13.84 0.95 10.37
N ARG B 44 12.91 0.00 10.25
CA ARG B 44 12.62 -0.60 8.95
C ARG B 44 11.97 0.43 8.02
N LYS B 45 11.04 1.22 8.53
CA LYS B 45 10.44 2.29 7.74
C LYS B 45 11.51 3.28 7.32
N GLU B 46 12.39 3.66 8.24
CA GLU B 46 13.43 4.63 7.90
C GLU B 46 14.29 4.12 6.75
N GLU B 47 14.74 2.87 6.87
CA GLU B 47 15.59 2.26 5.84
C GLU B 47 14.91 2.26 4.49
N MET B 48 13.61 1.92 4.46
CA MET B 48 12.88 1.88 3.20
C MET B 48 12.76 3.27 2.59
N ILE B 49 12.47 4.26 3.42
CA ILE B 49 12.31 5.62 2.94
C ILE B 49 13.64 6.16 2.43
N LEU B 50 14.72 5.92 3.18
CA LEU B 50 16.00 6.48 2.77
C LEU B 50 16.45 5.87 1.44
N ALA B 51 16.24 4.55 1.27
CA ALA B 51 16.60 3.91 -0.01
C ALA B 51 15.77 4.45 -1.17
N ALA B 52 14.46 4.64 -0.98
CA ALA B 52 13.64 5.16 -2.06
C ALA B 52 14.06 6.57 -2.43
N ARG B 53 14.39 7.39 -1.42
CA ARG B 53 14.80 8.78 -1.70
C ARG B 53 16.14 8.79 -2.42
N LYS B 54 17.02 7.86 -2.06
CA LYS B 54 18.32 7.74 -2.72
C LYS B 54 18.15 7.32 -4.18
N ARG B 55 17.27 6.35 -4.47
CA ARG B 55 16.99 6.00 -5.87
C ARG B 55 16.46 7.20 -6.65
N MET B 56 15.51 7.95 -6.08
CA MET B 56 14.95 9.09 -6.78
CA MET B 56 14.94 9.12 -6.74
C MET B 56 16.01 10.17 -7.03
N GLU B 57 16.92 10.37 -6.08
CA GLU B 57 17.99 11.34 -6.28
C GLU B 57 18.81 10.97 -7.51
N GLY B 58 19.14 9.68 -7.69
CA GLY B 58 19.90 9.27 -8.86
C GLY B 58 19.13 9.54 -10.15
N LYS B 59 17.82 9.30 -10.13
CA LYS B 59 17.01 9.58 -11.32
C LYS B 59 16.98 11.07 -11.61
N ILE B 60 16.81 11.90 -10.59
CA ILE B 60 16.77 13.35 -10.79
C ILE B 60 18.10 13.85 -11.33
N LYS B 61 19.22 13.36 -10.77
CA LYS B 61 20.51 13.82 -11.25
C LYS B 61 20.69 13.48 -12.72
N GLY B 62 20.30 12.27 -13.13
CA GLY B 62 20.30 11.96 -14.55
C GLY B 62 19.59 13.03 -15.38
N GLU B 63 18.42 13.46 -14.91
CA GLU B 63 17.61 14.42 -15.67
C GLU B 63 18.20 15.83 -15.63
N LYS B 64 18.67 16.28 -14.46
CA LYS B 64 19.26 17.61 -14.38
CA LYS B 64 19.26 17.61 -14.38
C LYS B 64 20.48 17.72 -15.28
N GLN B 65 21.26 16.65 -15.39
CA GLN B 65 22.37 16.59 -16.34
C GLN B 65 21.91 16.91 -17.75
N ASP B 66 20.76 16.35 -18.16
CA ASP B 66 20.26 16.52 -19.52
C ASP B 66 19.85 17.94 -19.85
N LYS B 67 19.75 18.83 -18.86
CA LYS B 67 19.35 20.20 -19.08
C LYS B 67 20.50 21.17 -18.79
MG MG C . 5.59 5.55 19.89
C1 EDO D . 0.03 -13.44 21.02
O1 EDO D . -0.47 -14.77 21.12
C2 EDO D . -0.84 -12.47 21.81
O2 EDO D . -0.28 -11.15 21.71
NA NA E . -6.24 0.01 18.25
#